data_9DO1
#
_entry.id   9DO1
#
_cell.length_a   114.121
_cell.length_b   114.121
_cell.length_c   219.729
_cell.angle_alpha   90.000
_cell.angle_beta   90.000
_cell.angle_gamma   90.000
#
_symmetry.space_group_name_H-M   'I 41 2 2'
#
loop_
_entity.id
_entity.type
_entity.pdbx_description
1 polymer 'Papain-like protease nsp3'
2 non-polymer 2-methyl-N-{(1R)-1-[(2M)-2-(1-methyl-1H-pyrazol-4-yl)quinolin-4-yl]ethyl}-5-{[(2R)-1-methylpyrrolidin-2-yl]methoxy}benzamide
3 non-polymer DI(HYDROXYETHYL)ETHER
4 non-polymer 'ZINC ION'
5 non-polymer 'CHLORIDE ION'
6 water water
#
_entity_poly.entity_id   1
_entity_poly.type   'polypeptide(L)'
_entity_poly.pdbx_seq_one_letter_code
;SNAEVRTIKVFTTVDNINLHTQVVDMSMTYGQQFGPTYLDGADVTKIKPHNSHEGKTFYVLPNDDTLRVEAFEYYHTTDP
SFLGRYMSALNHTKKWKYPQVNGLTSIKWADNNCYLATALLTLQQIELKFNPPALQDAYYRARAGEAANFCALILAYCNK
TVGELGDVRETMSYLFQHANLDSCKRVLNVVCKTCGQQQTTLKGVEAVMYMGTLSYEQFKKGVQIPCTCGKQATKYLVQQ
ESPFVMMSAPPAQYELKHGTFTCASEYTGNYQCGHYKHITSKETLYCIDGALLTKSSEYKGPITDVFYKENSYTTTIK
;
_entity_poly.pdbx_strand_id   A
#
loop_
_chem_comp.id
_chem_comp.type
_chem_comp.name
_chem_comp.formula
A1BF2 non-polymer 2-methyl-N-{(1R)-1-[(2M)-2-(1-methyl-1H-pyrazol-4-yl)quinolin-4-yl]ethyl}-5-{[(2R)-1-methylpyrrolidin-2-yl]methoxy}benzamide 'C29 H33 N5 O2'
CL non-polymer 'CHLORIDE ION' 'Cl -1'
PEG non-polymer DI(HYDROXYETHYL)ETHER 'C4 H10 O3'
ZN non-polymer 'ZINC ION' 'Zn 2'
#
# COMPACT_ATOMS: atom_id res chain seq x y z
N THR A 7 35.18 -24.78 5.40
CA THR A 7 34.65 -23.45 5.17
C THR A 7 33.75 -23.42 3.94
N ILE A 8 32.84 -22.44 3.90
CA ILE A 8 31.88 -22.31 2.81
C ILE A 8 31.94 -20.90 2.25
N LYS A 9 31.61 -20.77 0.98
CA LYS A 9 31.57 -19.49 0.28
C LYS A 9 30.11 -19.08 0.06
N VAL A 10 29.76 -17.88 0.51
CA VAL A 10 28.40 -17.36 0.42
C VAL A 10 28.43 -15.98 -0.23
N PHE A 11 27.24 -15.41 -0.40
CA PHE A 11 27.08 -14.06 -0.94
C PHE A 11 26.26 -13.23 0.03
N THR A 12 26.75 -12.04 0.35
CA THR A 12 26.02 -11.09 1.19
C THR A 12 25.46 -9.97 0.32
N THR A 13 24.32 -9.42 0.74
CA THR A 13 23.68 -8.37 -0.02
C THR A 13 22.67 -7.65 0.87
N VAL A 14 22.26 -6.47 0.42
CA VAL A 14 21.15 -5.76 1.04
C VAL A 14 20.00 -5.52 0.06
N ASP A 15 20.21 -5.67 -1.25
CA ASP A 15 19.19 -5.39 -2.24
C ASP A 15 18.93 -6.56 -3.20
N ASN A 16 19.62 -7.68 -3.03
CA ASN A 16 19.55 -8.83 -3.94
C ASN A 16 19.93 -8.46 -5.37
N ILE A 17 20.71 -7.38 -5.53
CA ILE A 17 21.23 -6.99 -6.85
C ILE A 17 22.74 -6.93 -6.78
N ASN A 18 23.27 -6.00 -5.99
CA ASN A 18 24.71 -5.89 -5.79
C ASN A 18 25.13 -6.98 -4.80
N LEU A 19 25.59 -8.11 -5.32
CA LEU A 19 26.01 -9.22 -4.49
C LEU A 19 27.50 -9.13 -4.18
N HIS A 20 27.86 -9.41 -2.94
CA HIS A 20 29.24 -9.30 -2.47
C HIS A 20 29.74 -10.67 -2.05
N THR A 21 30.89 -11.06 -2.58
CA THR A 21 31.43 -12.38 -2.29
C THR A 21 32.12 -12.39 -0.92
N GLN A 22 31.87 -13.45 -0.16
CA GLN A 22 32.44 -13.59 1.18
C GLN A 22 32.71 -15.07 1.44
N VAL A 23 33.75 -15.33 2.21
CA VAL A 23 34.10 -16.68 2.65
C VAL A 23 33.95 -16.73 4.17
N VAL A 24 33.19 -17.70 4.65
CA VAL A 24 32.86 -17.79 6.07
C VAL A 24 33.56 -19.00 6.69
N ASP A 25 33.65 -18.99 8.01
CA ASP A 25 34.16 -20.11 8.77
C ASP A 25 33.00 -20.83 9.44
N MET A 26 32.93 -22.15 9.25
CA MET A 26 31.82 -22.93 9.78
C MET A 26 31.83 -23.00 11.30
N SER A 27 32.93 -22.60 11.95
CA SER A 27 32.98 -22.62 13.41
C SER A 27 32.22 -21.43 14.00
N MET A 28 32.52 -20.22 13.52
CA MET A 28 31.85 -19.03 14.00
C MET A 28 30.49 -18.87 13.32
N THR A 29 29.50 -18.44 14.10
CA THR A 29 28.17 -18.23 13.57
C THR A 29 28.13 -16.97 12.70
N TYR A 30 27.03 -16.82 11.96
CA TYR A 30 26.92 -15.72 11.01
C TYR A 30 26.97 -14.36 11.69
N GLY A 31 26.42 -14.26 12.90
CA GLY A 31 26.36 -12.98 13.59
C GLY A 31 27.71 -12.44 13.98
N GLN A 32 28.68 -13.34 14.15
CA GLN A 32 30.02 -12.90 14.61
C GLN A 32 30.82 -12.40 13.42
N GLN A 33 30.54 -12.91 12.22
CA GLN A 33 31.30 -12.56 11.02
C GLN A 33 30.63 -11.46 10.21
N PHE A 34 29.31 -11.55 10.00
CA PHE A 34 28.59 -10.57 9.20
C PHE A 34 27.73 -9.61 10.01
N GLY A 35 27.32 -10.00 11.21
CA GLY A 35 26.31 -9.27 11.93
C GLY A 35 24.96 -9.94 11.73
N PRO A 36 23.87 -9.19 11.93
CA PRO A 36 22.54 -9.76 11.67
C PRO A 36 22.42 -10.22 10.23
N THR A 37 22.21 -11.52 10.06
CA THR A 37 22.15 -12.17 8.76
C THR A 37 20.83 -12.91 8.62
N TYR A 38 20.33 -12.99 7.38
CA TYR A 38 19.03 -13.60 7.12
C TYR A 38 19.11 -14.45 5.86
N LEU A 39 18.30 -15.52 5.85
CA LEU A 39 18.10 -16.35 4.67
C LEU A 39 16.60 -16.52 4.45
N ASP A 40 16.10 -15.90 3.38
CA ASP A 40 14.69 -16.02 2.99
C ASP A 40 13.77 -15.63 4.14
N GLY A 41 14.10 -14.52 4.81
CA GLY A 41 13.33 -14.04 5.93
C GLY A 41 13.64 -14.69 7.26
N ALA A 42 14.43 -15.76 7.28
CA ALA A 42 14.74 -16.47 8.52
C ALA A 42 16.02 -15.92 9.13
N ASP A 43 15.96 -15.61 10.41
CA ASP A 43 17.12 -15.06 11.12
C ASP A 43 18.16 -16.17 11.32
N VAL A 44 19.28 -16.05 10.61
CA VAL A 44 20.35 -17.04 10.70
C VAL A 44 21.54 -16.42 11.42
N THR A 45 21.29 -15.43 12.27
CA THR A 45 22.37 -14.78 13.01
C THR A 45 23.02 -15.76 13.99
N LYS A 46 22.21 -16.39 14.85
CA LYS A 46 22.71 -17.34 15.84
C LYS A 46 22.88 -18.75 15.27
N ILE A 47 22.74 -18.92 13.96
CA ILE A 47 22.84 -20.22 13.32
C ILE A 47 24.23 -20.34 12.68
N LYS A 48 24.90 -21.45 12.94
CA LYS A 48 26.21 -21.68 12.37
C LYS A 48 26.10 -21.94 10.87
N PRO A 49 27.16 -21.68 10.10
CA PRO A 49 27.10 -22.00 8.66
C PRO A 49 26.96 -23.49 8.44
N HIS A 50 26.06 -23.86 7.54
CA HIS A 50 25.81 -25.25 7.17
C HIS A 50 26.29 -25.49 5.74
N ASN A 51 26.15 -26.75 5.29
CA ASN A 51 26.58 -27.11 3.95
C ASN A 51 25.58 -26.65 2.89
N SER A 52 24.28 -26.75 3.20
CA SER A 52 23.25 -26.26 2.27
C SER A 52 23.29 -24.75 2.13
N HIS A 53 23.93 -24.04 3.08
CA HIS A 53 24.04 -22.59 3.00
C HIS A 53 25.09 -22.13 2.00
N GLU A 54 25.99 -23.01 1.58
CA GLU A 54 27.04 -22.63 0.65
C GLU A 54 26.43 -22.26 -0.71
N GLY A 55 26.86 -21.13 -1.25
CA GLY A 55 26.35 -20.64 -2.52
C GLY A 55 25.12 -19.78 -2.41
N LYS A 56 24.33 -19.91 -1.34
CA LYS A 56 23.13 -19.12 -1.17
C LYS A 56 23.48 -17.65 -0.90
N THR A 57 22.52 -16.78 -1.20
CA THR A 57 22.68 -15.35 -1.00
C THR A 57 22.04 -14.95 0.32
N PHE A 58 22.79 -14.22 1.14
CA PHE A 58 22.35 -13.81 2.46
C PHE A 58 22.05 -12.32 2.50
N TYR A 59 20.97 -11.96 3.18
CA TYR A 59 20.67 -10.56 3.47
C TYR A 59 21.37 -10.18 4.78
N VAL A 60 22.11 -9.08 4.76
CA VAL A 60 22.83 -8.61 5.93
C VAL A 60 22.45 -7.17 6.23
N LEU A 61 22.46 -6.82 7.51
CA LEU A 61 22.29 -5.42 7.89
C LEU A 61 23.52 -4.63 7.46
N PRO A 62 23.35 -3.44 6.91
CA PRO A 62 24.51 -2.66 6.42
C PRO A 62 25.52 -2.42 7.53
N ASN A 63 26.75 -2.87 7.28
CA ASN A 63 27.85 -2.70 8.24
C ASN A 63 28.97 -1.82 7.72
N ASP A 64 28.90 -1.35 6.48
CA ASP A 64 29.88 -0.42 5.93
C ASP A 64 29.15 0.62 5.08
N ASP A 65 29.90 1.60 4.59
CA ASP A 65 29.29 2.68 3.83
C ASP A 65 28.77 2.22 2.48
N THR A 66 29.45 1.25 1.85
CA THR A 66 28.98 0.74 0.57
C THR A 66 27.62 0.07 0.72
N LEU A 67 27.46 -0.75 1.77
CA LEU A 67 26.18 -1.39 2.03
C LEU A 67 25.14 -0.36 2.46
N ARG A 68 25.55 0.67 3.20
CA ARG A 68 24.61 1.70 3.62
C ARG A 68 24.06 2.46 2.42
N VAL A 69 24.95 2.86 1.50
CA VAL A 69 24.50 3.59 0.32
C VAL A 69 23.61 2.71 -0.54
N GLU A 70 24.04 1.47 -0.79
CA GLU A 70 23.21 0.54 -1.57
C GLU A 70 21.84 0.35 -0.93
N ALA A 71 21.79 0.30 0.41
CA ALA A 71 20.51 0.11 1.09
C ALA A 71 19.57 1.28 0.85
N PHE A 72 20.08 2.50 0.85
CA PHE A 72 19.21 3.65 0.60
C PHE A 72 18.74 3.69 -0.85
N GLU A 73 19.62 3.39 -1.81
CA GLU A 73 19.22 3.49 -3.21
C GLU A 73 18.09 2.52 -3.53
N TYR A 74 18.04 1.37 -2.86
CA TYR A 74 17.00 0.39 -3.13
C TYR A 74 15.74 0.62 -2.31
N TYR A 75 15.88 0.98 -1.04
CA TYR A 75 14.73 1.10 -0.15
C TYR A 75 14.32 2.53 0.17
N HIS A 76 15.22 3.49 -0.06
CA HIS A 76 14.96 4.90 0.25
C HIS A 76 14.70 5.11 1.73
N THR A 77 15.41 4.37 2.58
CA THR A 77 15.34 4.55 4.02
C THR A 77 16.70 4.23 4.63
N THR A 78 17.02 4.93 5.72
CA THR A 78 18.22 4.64 6.50
C THR A 78 17.89 4.04 7.85
N ASP A 79 16.62 3.68 8.07
CA ASP A 79 16.19 3.06 9.32
C ASP A 79 16.92 1.74 9.54
N PRO A 80 17.74 1.61 10.59
CA PRO A 80 18.43 0.33 10.83
C PRO A 80 17.50 -0.81 11.20
N SER A 81 16.26 -0.53 11.59
CA SER A 81 15.30 -1.58 11.93
C SER A 81 14.47 -2.03 10.72
N PHE A 82 14.64 -1.38 9.55
CA PHE A 82 13.79 -1.70 8.42
C PHE A 82 14.03 -3.13 7.93
N LEU A 83 15.29 -3.51 7.75
CA LEU A 83 15.61 -4.83 7.21
C LEU A 83 15.04 -5.94 8.09
N GLY A 84 15.24 -5.84 9.40
CA GLY A 84 14.71 -6.86 10.29
C GLY A 84 13.20 -6.93 10.27
N ARG A 85 12.53 -5.77 10.33
CA ARG A 85 11.08 -5.75 10.23
C ARG A 85 10.62 -6.30 8.88
N TYR A 86 11.37 -6.00 7.81
CA TYR A 86 11.04 -6.55 6.50
C TYR A 86 11.19 -8.06 6.50
N MET A 87 12.33 -8.56 6.96
CA MET A 87 12.56 -10.00 6.98
C MET A 87 11.57 -10.72 7.90
N SER A 88 11.19 -10.08 9.00
CA SER A 88 10.22 -10.69 9.92
C SER A 88 8.87 -10.85 9.25
N ALA A 89 8.43 -9.84 8.50
CA ALA A 89 7.17 -9.93 7.78
C ALA A 89 7.26 -10.95 6.64
N LEU A 90 8.38 -10.95 5.91
CA LEU A 90 8.52 -11.88 4.78
C LEU A 90 8.36 -13.32 5.24
N ASN A 91 8.87 -13.65 6.44
CA ASN A 91 8.77 -15.00 6.98
C ASN A 91 7.34 -15.52 6.99
N HIS A 92 6.37 -14.63 7.22
CA HIS A 92 4.96 -15.03 7.18
C HIS A 92 4.41 -14.98 5.76
N THR A 93 4.67 -13.89 5.03
CA THR A 93 4.02 -13.69 3.74
C THR A 93 4.44 -14.74 2.70
N LYS A 94 5.58 -15.39 2.91
CA LYS A 94 6.05 -16.42 1.94
C LYS A 94 5.16 -17.67 2.07
N LYS A 95 4.47 -17.81 3.20
CA LYS A 95 3.60 -18.96 3.43
C LYS A 95 2.14 -18.67 3.12
N TRP A 96 1.79 -17.41 2.87
CA TRP A 96 0.43 -17.09 2.44
C TRP A 96 0.18 -17.59 1.02
N LYS A 97 -1.09 -17.72 0.67
CA LYS A 97 -1.51 -18.10 -0.67
C LYS A 97 -1.99 -16.87 -1.43
N TYR A 98 -1.60 -16.78 -2.69
CA TYR A 98 -1.91 -15.63 -3.55
C TYR A 98 -2.65 -16.11 -4.78
N PRO A 99 -3.94 -16.42 -4.66
CA PRO A 99 -4.70 -16.92 -5.80
C PRO A 99 -5.11 -15.81 -6.76
N GLN A 100 -5.16 -16.15 -8.03
CA GLN A 100 -5.71 -15.26 -9.05
C GLN A 100 -7.22 -15.29 -8.97
N VAL A 101 -7.84 -14.13 -8.76
CA VAL A 101 -9.28 -14.01 -8.62
C VAL A 101 -9.74 -12.91 -9.57
N ASN A 102 -10.55 -13.29 -10.57
CA ASN A 102 -11.09 -12.34 -11.55
C ASN A 102 -9.96 -11.57 -12.24
N GLY A 103 -8.90 -12.28 -12.60
CA GLY A 103 -7.75 -11.66 -13.23
C GLY A 103 -6.91 -10.79 -12.32
N LEU A 104 -7.12 -10.86 -11.00
CA LEU A 104 -6.36 -10.06 -10.04
C LEU A 104 -5.72 -10.96 -8.99
N THR A 105 -4.55 -10.55 -8.52
CA THR A 105 -3.85 -11.27 -7.47
C THR A 105 -4.44 -10.88 -6.12
N SER A 106 -5.00 -11.85 -5.41
CA SER A 106 -5.55 -11.65 -4.08
C SER A 106 -4.70 -12.41 -3.05
N ILE A 107 -5.20 -12.47 -1.81
CA ILE A 107 -4.53 -13.18 -0.72
C ILE A 107 -5.54 -14.05 -0.01
N LYS A 108 -5.21 -15.33 0.17
CA LYS A 108 -6.02 -16.17 1.03
C LYS A 108 -5.91 -15.67 2.47
N TRP A 109 -7.06 -15.62 3.16
CA TRP A 109 -7.12 -15.00 4.47
C TRP A 109 -6.22 -15.72 5.45
N ALA A 110 -5.46 -14.93 6.23
CA ALA A 110 -4.54 -15.44 7.22
C ALA A 110 -3.93 -14.26 7.95
N ASP A 111 -3.80 -14.39 9.27
CA ASP A 111 -3.10 -13.40 10.10
C ASP A 111 -3.68 -12.00 9.94
N ASN A 112 -5.01 -11.92 9.79
CA ASN A 112 -5.72 -10.65 9.69
C ASN A 112 -5.25 -9.82 8.49
N ASN A 113 -4.96 -10.48 7.37
CA ASN A 113 -4.44 -9.80 6.19
C ASN A 113 -5.53 -9.28 5.27
N CYS A 114 -6.78 -9.15 5.76
CA CYS A 114 -7.86 -8.72 4.88
C CYS A 114 -7.64 -7.32 4.36
N TYR A 115 -7.06 -6.44 5.19
CA TYR A 115 -6.78 -5.09 4.72
C TYR A 115 -5.61 -5.07 3.73
N LEU A 116 -4.67 -6.00 3.87
CA LEU A 116 -3.57 -6.10 2.90
C LEU A 116 -4.06 -6.60 1.55
N ALA A 117 -4.96 -7.58 1.55
CA ALA A 117 -5.52 -8.06 0.29
C ALA A 117 -6.32 -6.98 -0.40
N THR A 118 -7.09 -6.20 0.36
CA THR A 118 -7.87 -5.12 -0.23
C THR A 118 -6.97 -4.06 -0.85
N ALA A 119 -5.92 -3.66 -0.13
CA ALA A 119 -4.97 -2.70 -0.68
C ALA A 119 -4.25 -3.29 -1.90
N LEU A 120 -3.90 -4.57 -1.85
CA LEU A 120 -3.20 -5.19 -2.97
C LEU A 120 -4.09 -5.23 -4.21
N LEU A 121 -5.37 -5.53 -4.03
CA LEU A 121 -6.29 -5.53 -5.17
C LEU A 121 -6.50 -4.13 -5.71
N THR A 122 -6.54 -3.13 -4.83
CA THR A 122 -6.73 -1.76 -5.27
C THR A 122 -5.55 -1.26 -6.09
N LEU A 123 -4.33 -1.63 -5.70
CA LEU A 123 -3.13 -1.12 -6.37
C LEU A 123 -3.04 -1.65 -7.80
N GLN A 124 -3.61 -2.81 -8.08
CA GLN A 124 -3.62 -3.37 -9.42
C GLN A 124 -4.63 -2.70 -10.34
N GLN A 125 -5.42 -1.75 -9.82
CA GLN A 125 -6.46 -1.11 -10.61
C GLN A 125 -6.30 0.40 -10.71
N ILE A 126 -5.27 0.98 -10.10
CA ILE A 126 -4.99 2.41 -10.22
C ILE A 126 -3.56 2.59 -10.71
N GLU A 127 -3.31 3.74 -11.34
CA GLU A 127 -2.01 4.04 -11.90
C GLU A 127 -1.11 4.68 -10.85
N LEU A 128 0.03 4.04 -10.57
CA LEU A 128 0.90 4.48 -9.49
C LEU A 128 2.32 4.03 -9.79
N LYS A 129 3.29 4.88 -9.47
CA LYS A 129 4.70 4.58 -9.62
C LYS A 129 5.41 4.82 -8.30
N PHE A 130 6.02 3.76 -7.76
CA PHE A 130 6.71 3.84 -6.47
C PHE A 130 8.13 4.36 -6.65
N ASN A 131 8.57 5.20 -5.72
CA ASN A 131 9.89 5.80 -5.77
C ASN A 131 11.00 4.83 -5.36
N PRO A 132 10.87 4.08 -4.26
CA PRO A 132 11.91 3.10 -3.91
C PRO A 132 11.92 1.97 -4.92
N PRO A 133 13.08 1.70 -5.55
CA PRO A 133 13.16 0.56 -6.48
C PRO A 133 12.72 -0.75 -5.87
N ALA A 134 12.94 -0.96 -4.57
CA ALA A 134 12.46 -2.18 -3.92
C ALA A 134 10.94 -2.29 -4.01
N LEU A 135 10.24 -1.16 -3.84
CA LEU A 135 8.78 -1.19 -3.91
C LEU A 135 8.31 -1.40 -5.34
N GLN A 136 8.95 -0.74 -6.31
CA GLN A 136 8.52 -0.86 -7.71
C GLN A 136 8.76 -2.27 -8.24
N ASP A 137 9.93 -2.86 -7.92
CA ASP A 137 10.24 -4.20 -8.40
C ASP A 137 9.27 -5.23 -7.82
N ALA A 138 9.01 -5.15 -6.51
CA ALA A 138 8.06 -6.06 -5.89
C ALA A 138 6.65 -5.82 -6.39
N TYR A 139 6.30 -4.55 -6.66
CA TYR A 139 5.01 -4.23 -7.26
C TYR A 139 4.81 -4.99 -8.56
N TYR A 140 5.81 -4.94 -9.45
CA TYR A 140 5.71 -5.64 -10.72
C TYR A 140 5.54 -7.14 -10.52
N ARG A 141 6.37 -7.74 -9.65
CA ARG A 141 6.25 -9.17 -9.40
CA ARG A 141 6.24 -9.17 -9.42
C ARG A 141 4.92 -9.53 -8.76
N ALA A 142 4.33 -8.59 -8.00
CA ALA A 142 3.02 -8.85 -7.40
C ALA A 142 1.93 -8.93 -8.47
N ARG A 143 2.00 -8.04 -9.47
CA ARG A 143 1.02 -8.10 -10.55
CA ARG A 143 1.02 -8.09 -10.57
C ARG A 143 1.14 -9.39 -11.34
N ALA A 144 2.35 -9.94 -11.46
CA ALA A 144 2.56 -11.20 -12.15
C ALA A 144 2.21 -12.42 -11.30
N GLY A 145 1.76 -12.22 -10.06
CA GLY A 145 1.31 -13.31 -9.21
C GLY A 145 2.19 -13.65 -8.02
N GLU A 146 3.37 -13.03 -7.88
CA GLU A 146 4.29 -13.33 -6.79
C GLU A 146 4.35 -12.10 -5.86
N ALA A 147 3.43 -12.05 -4.90
CA ALA A 147 3.22 -10.86 -4.09
C ALA A 147 3.70 -11.02 -2.65
N ALA A 148 4.48 -12.06 -2.36
CA ALA A 148 4.98 -12.26 -1.00
C ALA A 148 5.93 -11.14 -0.59
N ASN A 149 6.90 -10.82 -1.44
CA ASN A 149 7.85 -9.76 -1.10
C ASN A 149 7.17 -8.41 -1.05
N PHE A 150 6.19 -8.17 -1.93
CA PHE A 150 5.49 -6.89 -1.94
C PHE A 150 4.70 -6.69 -0.65
N CYS A 151 4.04 -7.75 -0.17
CA CYS A 151 3.23 -7.63 1.03
C CYS A 151 4.10 -7.41 2.26
N ALA A 152 5.28 -8.05 2.31
CA ALA A 152 6.19 -7.79 3.41
C ALA A 152 6.71 -6.36 3.39
N LEU A 153 7.00 -5.84 2.20
CA LEU A 153 7.49 -4.48 2.10
C LEU A 153 6.42 -3.49 2.56
N ILE A 154 5.16 -3.72 2.19
CA ILE A 154 4.08 -2.84 2.63
C ILE A 154 4.05 -2.75 4.16
N LEU A 155 4.16 -3.91 4.84
CA LEU A 155 4.13 -3.91 6.30
C LEU A 155 5.31 -3.15 6.88
N ALA A 156 6.51 -3.38 6.34
CA ALA A 156 7.70 -2.68 6.83
C ALA A 156 7.59 -1.18 6.61
N TYR A 157 7.13 -0.76 5.42
CA TYR A 157 7.03 0.67 5.14
C TYR A 157 5.94 1.32 5.98
N CYS A 158 4.91 0.57 6.36
CA CYS A 158 3.82 1.10 7.18
C CYS A 158 4.05 0.91 8.68
N ASN A 159 5.21 0.38 9.08
N ASN A 159 5.20 0.37 9.08
CA ASN A 159 5.52 0.10 10.49
CA ASN A 159 5.52 0.11 10.49
C ASN A 159 4.44 -0.77 11.12
C ASN A 159 4.46 -0.78 11.13
N LYS A 160 3.97 -1.75 10.37
CA LYS A 160 2.99 -2.72 10.84
C LYS A 160 3.60 -4.10 10.84
N THR A 161 3.17 -4.93 11.79
CA THR A 161 3.63 -6.30 11.90
C THR A 161 2.51 -7.26 11.50
N VAL A 162 2.92 -8.48 11.17
CA VAL A 162 1.95 -9.51 10.80
C VAL A 162 1.02 -9.76 11.98
N GLY A 163 -0.29 -9.79 11.70
CA GLY A 163 -1.30 -9.98 12.71
C GLY A 163 -1.92 -8.70 13.22
N GLU A 164 -1.21 -7.58 13.10
CA GLU A 164 -1.75 -6.29 13.53
C GLU A 164 -2.98 -5.92 12.71
N LEU A 165 -3.92 -5.23 13.36
CA LEU A 165 -5.14 -4.77 12.70
C LEU A 165 -4.82 -3.54 11.86
N GLY A 166 -5.13 -3.60 10.57
CA GLY A 166 -4.74 -2.55 9.63
C GLY A 166 -5.93 -1.87 9.00
N ASP A 167 -5.78 -0.57 8.75
CA ASP A 167 -6.77 0.24 8.07
C ASP A 167 -6.33 0.48 6.63
N VAL A 168 -7.23 0.21 5.67
CA VAL A 168 -6.88 0.30 4.26
C VAL A 168 -6.56 1.74 3.86
N ARG A 169 -7.38 2.69 4.30
CA ARG A 169 -7.15 4.09 3.95
C ARG A 169 -5.79 4.56 4.45
N GLU A 170 -5.38 4.11 5.65
CA GLU A 170 -4.10 4.52 6.20
C GLU A 170 -2.94 3.84 5.50
N THR A 171 -3.14 2.57 5.09
CA THR A 171 -2.11 1.87 4.33
C THR A 171 -1.90 2.52 2.96
N MET A 172 -3.00 2.86 2.27
CA MET A 172 -2.87 3.50 0.97
C MET A 172 -2.17 4.84 1.09
N SER A 173 -2.47 5.60 2.15
CA SER A 173 -1.84 6.89 2.35
C SER A 173 -0.34 6.73 2.57
N TYR A 174 0.06 5.74 3.37
CA TYR A 174 1.48 5.47 3.56
C TYR A 174 2.16 5.12 2.24
N LEU A 175 1.51 4.27 1.44
CA LEU A 175 2.09 3.90 0.16
C LEU A 175 2.13 5.10 -0.80
N PHE A 176 1.09 5.94 -0.77
CA PHE A 176 1.06 7.11 -1.64
C PHE A 176 2.25 8.03 -1.36
N GLN A 177 2.64 8.15 -0.08
CA GLN A 177 3.76 9.01 0.27
C GLN A 177 5.08 8.50 -0.29
N HIS A 178 5.16 7.22 -0.65
CA HIS A 178 6.33 6.64 -1.27
C HIS A 178 6.18 6.48 -2.78
N ALA A 179 5.25 7.22 -3.38
CA ALA A 179 5.01 7.17 -4.81
C ALA A 179 5.17 8.56 -5.41
N ASN A 180 5.33 8.61 -6.73
CA ASN A 180 5.49 9.87 -7.46
C ASN A 180 4.12 10.45 -7.76
N LEU A 181 3.65 11.34 -6.88
CA LEU A 181 2.40 12.05 -7.05
C LEU A 181 2.62 13.55 -7.14
N ASP A 182 3.80 13.96 -7.62
CA ASP A 182 4.13 15.37 -7.70
C ASP A 182 3.23 16.09 -8.71
N SER A 183 2.91 15.44 -9.82
CA SER A 183 2.05 16.04 -10.84
C SER A 183 0.60 16.15 -10.38
N CYS A 184 0.22 15.50 -9.30
CA CYS A 184 -1.17 15.49 -8.85
C CYS A 184 -1.50 16.81 -8.17
N LYS A 185 -2.45 17.55 -8.73
CA LYS A 185 -2.84 18.86 -8.24
C LYS A 185 -4.34 18.88 -7.99
N ARG A 186 -4.73 19.54 -6.90
CA ARG A 186 -6.14 19.72 -6.56
C ARG A 186 -6.37 21.15 -6.12
N VAL A 187 -7.26 21.85 -6.80
CA VAL A 187 -7.60 23.23 -6.47
C VAL A 187 -9.00 23.22 -5.88
N LEU A 188 -9.15 23.76 -4.68
CA LEU A 188 -10.41 23.80 -3.97
C LEU A 188 -10.89 25.24 -3.82
N ASN A 189 -12.14 25.38 -3.43
CA ASN A 189 -12.74 26.69 -3.18
C ASN A 189 -13.75 26.57 -2.05
N VAL A 190 -13.59 27.39 -1.02
CA VAL A 190 -14.53 27.46 0.08
C VAL A 190 -15.36 28.73 -0.07
N VAL A 191 -16.62 28.65 0.35
CA VAL A 191 -17.56 29.75 0.23
C VAL A 191 -18.22 29.97 1.58
N CYS A 192 -18.09 31.18 2.12
CA CYS A 192 -18.69 31.54 3.39
C CYS A 192 -19.52 32.80 3.22
N LYS A 193 -20.66 32.85 3.90
CA LYS A 193 -21.56 33.99 3.76
C LYS A 193 -20.92 35.28 4.28
N THR A 194 -20.07 35.19 5.30
CA THR A 194 -19.44 36.35 5.90
C THR A 194 -18.04 36.60 5.33
N CYS A 195 -17.17 35.60 5.40
CA CYS A 195 -15.78 35.80 4.97
C CYS A 195 -15.67 35.88 3.46
N GLY A 196 -16.46 35.09 2.73
CA GLY A 196 -16.44 35.15 1.29
C GLY A 196 -15.97 33.88 0.62
N GLN A 197 -15.05 34.01 -0.34
CA GLN A 197 -14.56 32.88 -1.12
C GLN A 197 -13.03 32.84 -1.04
N GLN A 198 -12.49 31.65 -0.79
CA GLN A 198 -11.05 31.45 -0.69
C GLN A 198 -10.66 30.20 -1.45
N GLN A 199 -9.53 30.28 -2.15
CA GLN A 199 -9.05 29.20 -3.01
C GLN A 199 -7.77 28.61 -2.44
N THR A 200 -7.68 27.27 -2.47
CA THR A 200 -6.50 26.56 -2.00
C THR A 200 -6.08 25.55 -3.06
N THR A 201 -4.78 25.32 -3.15
CA THR A 201 -4.20 24.37 -4.09
C THR A 201 -3.42 23.30 -3.31
N LEU A 202 -3.84 22.05 -3.44
CA LEU A 202 -3.18 20.93 -2.79
C LEU A 202 -2.31 20.18 -3.79
N LYS A 203 -1.25 19.56 -3.27
CA LYS A 203 -0.28 18.85 -4.09
C LYS A 203 0.02 17.50 -3.47
N GLY A 204 0.34 16.54 -4.33
CA GLY A 204 0.80 15.24 -3.84
C GLY A 204 -0.32 14.40 -3.26
N VAL A 205 -0.02 13.77 -2.12
CA VAL A 205 -0.95 12.81 -1.51
C VAL A 205 -2.26 13.50 -1.14
N GLU A 206 -2.20 14.76 -0.72
CA GLU A 206 -3.41 15.49 -0.34
C GLU A 206 -4.33 15.77 -1.51
N ALA A 207 -3.80 15.75 -2.74
CA ALA A 207 -4.61 16.04 -3.92
C ALA A 207 -5.43 14.85 -4.38
N VAL A 208 -5.14 13.64 -3.91
CA VAL A 208 -5.82 12.44 -4.37
C VAL A 208 -6.67 11.78 -3.29
N MET A 209 -6.64 12.29 -2.07
CA MET A 209 -7.39 11.71 -0.96
C MET A 209 -8.32 12.74 -0.35
N TYR A 210 -9.51 12.28 0.05
CA TYR A 210 -10.45 13.11 0.79
C TYR A 210 -11.17 12.26 1.82
N MET A 211 -11.45 12.87 2.97
CA MET A 211 -12.14 12.20 4.08
C MET A 211 -13.42 12.98 4.38
N GLY A 212 -14.56 12.27 4.35
CA GLY A 212 -15.83 12.91 4.60
C GLY A 212 -16.99 12.32 3.82
N THR A 213 -16.80 12.10 2.52
CA THR A 213 -17.85 11.54 1.69
C THR A 213 -17.28 10.50 0.74
N LEU A 214 -18.14 9.55 0.36
CA LEU A 214 -17.75 8.50 -0.58
C LEU A 214 -17.98 8.89 -2.03
N SER A 215 -18.83 9.87 -2.29
CA SER A 215 -19.26 10.20 -3.64
C SER A 215 -18.33 11.26 -4.24
N TYR A 216 -17.67 10.91 -5.35
CA TYR A 216 -16.89 11.91 -6.08
C TYR A 216 -17.78 12.99 -6.65
N GLU A 217 -19.02 12.66 -7.02
CA GLU A 217 -19.96 13.67 -7.51
C GLU A 217 -20.30 14.67 -6.42
N GLN A 218 -20.56 14.19 -5.20
CA GLN A 218 -20.86 15.09 -4.09
C GLN A 218 -19.70 16.03 -3.81
N PHE A 219 -18.47 15.53 -3.94
CA PHE A 219 -17.30 16.39 -3.77
C PHE A 219 -17.27 17.47 -4.84
N LYS A 220 -17.71 17.15 -6.06
CA LYS A 220 -17.74 18.15 -7.13
C LYS A 220 -18.85 19.17 -6.88
N LYS A 221 -20.00 18.72 -6.37
CA LYS A 221 -21.11 19.64 -6.11
C LYS A 221 -20.83 20.50 -4.88
N GLY A 222 -20.13 19.96 -3.89
CA GLY A 222 -19.82 20.73 -2.70
C GLY A 222 -20.22 20.03 -1.41
N VAL A 223 -19.42 20.19 -0.37
CA VAL A 223 -19.70 19.61 0.94
C VAL A 223 -19.65 20.71 1.99
N GLN A 224 -20.39 20.51 3.07
CA GLN A 224 -20.50 21.50 4.13
C GLN A 224 -19.36 21.30 5.13
N ILE A 225 -18.48 22.30 5.22
CA ILE A 225 -17.36 22.28 6.16
C ILE A 225 -17.47 23.52 7.05
N PRO A 226 -17.07 23.45 8.31
CA PRO A 226 -17.16 24.63 9.18
C PRO A 226 -16.05 25.63 8.91
N CYS A 227 -16.43 26.90 8.84
CA CYS A 227 -15.49 27.98 8.58
C CYS A 227 -14.85 28.46 9.88
N THR A 228 -13.78 29.24 9.73
CA THR A 228 -13.06 29.78 10.88
C THR A 228 -13.87 30.80 11.67
N CYS A 229 -14.97 31.31 11.12
CA CYS A 229 -15.80 32.28 11.80
C CYS A 229 -16.97 31.65 12.54
N GLY A 230 -17.19 30.35 12.40
CA GLY A 230 -18.29 29.68 13.07
C GLY A 230 -19.38 29.24 12.13
N LYS A 231 -19.71 30.08 11.15
CA LYS A 231 -20.76 29.74 10.20
C LYS A 231 -20.29 28.63 9.26
N GLN A 232 -21.22 27.75 8.90
CA GLN A 232 -20.89 26.64 8.01
C GLN A 232 -20.59 27.16 6.60
N ALA A 233 -19.58 26.57 5.97
CA ALA A 233 -19.15 26.95 4.64
C ALA A 233 -19.40 25.79 3.66
N THR A 234 -19.00 26.02 2.41
CA THR A 234 -19.17 25.02 1.35
C THR A 234 -17.86 24.88 0.61
N LYS A 235 -17.35 23.65 0.53
CA LYS A 235 -16.10 23.35 -0.16
C LYS A 235 -16.40 22.43 -1.33
N TYR A 236 -15.97 22.83 -2.53
CA TYR A 236 -16.17 22.02 -3.72
C TYR A 236 -14.88 21.94 -4.51
N LEU A 237 -14.83 20.98 -5.42
CA LEU A 237 -13.65 20.77 -6.27
C LEU A 237 -13.68 21.73 -7.45
N VAL A 238 -12.57 22.46 -7.63
CA VAL A 238 -12.45 23.37 -8.77
C VAL A 238 -11.72 22.69 -9.92
N GLN A 239 -10.53 22.15 -9.64
CA GLN A 239 -9.72 21.49 -10.66
C GLN A 239 -9.05 20.27 -10.05
N GLN A 240 -8.95 19.20 -10.83
CA GLN A 240 -8.32 17.96 -10.37
C GLN A 240 -7.46 17.41 -11.51
N GLU A 241 -6.17 17.22 -11.22
CA GLU A 241 -5.20 16.71 -12.20
C GLU A 241 -4.49 15.52 -11.55
N SER A 242 -5.10 14.34 -11.66
CA SER A 242 -4.51 13.13 -11.09
C SER A 242 -5.07 11.92 -11.82
N PRO A 243 -4.31 10.83 -11.92
CA PRO A 243 -4.84 9.63 -12.58
C PRO A 243 -5.94 8.92 -11.81
N PHE A 244 -6.16 9.27 -10.55
CA PHE A 244 -7.21 8.64 -9.76
C PHE A 244 -7.57 9.57 -8.60
N VAL A 245 -8.62 9.19 -7.89
CA VAL A 245 -9.09 9.91 -6.71
C VAL A 245 -9.60 8.88 -5.72
N MET A 246 -9.20 9.03 -4.43
CA MET A 246 -9.70 8.15 -3.32
C MET A 246 -10.65 8.95 -2.44
N MET A 247 -11.89 8.50 -2.33
CA MET A 247 -12.92 9.13 -1.51
C MET A 247 -13.21 8.20 -0.34
N SER A 248 -13.07 8.71 0.88
CA SER A 248 -13.22 7.91 2.09
C SER A 248 -14.27 8.53 3.01
N ALA A 249 -14.91 7.65 3.78
CA ALA A 249 -15.89 8.04 4.78
C ALA A 249 -16.00 6.92 5.80
N PRO A 250 -16.45 7.22 7.02
CA PRO A 250 -16.65 6.15 7.99
C PRO A 250 -17.66 5.14 7.47
N PRO A 251 -17.50 3.86 7.84
CA PRO A 251 -18.36 2.81 7.27
C PRO A 251 -19.84 3.13 7.43
N ALA A 252 -20.55 3.11 6.30
CA ALA A 252 -21.97 3.39 6.28
C ALA A 252 -22.58 2.67 5.07
N GLN A 253 -23.89 2.41 5.16
CA GLN A 253 -24.58 1.77 4.05
C GLN A 253 -24.54 2.67 2.82
N TYR A 254 -24.26 2.06 1.67
CA TYR A 254 -23.98 2.80 0.45
C TYR A 254 -24.27 1.88 -0.74
N GLU A 255 -24.80 2.46 -1.80
CA GLU A 255 -25.09 1.72 -3.03
C GLU A 255 -24.00 2.00 -4.06
N LEU A 256 -23.47 0.94 -4.66
CA LEU A 256 -22.44 1.04 -5.69
C LEU A 256 -23.05 0.71 -7.03
N LYS A 257 -23.00 1.66 -7.96
CA LYS A 257 -23.54 1.47 -9.30
C LYS A 257 -22.47 0.97 -10.25
N HIS A 258 -22.83 -0.02 -11.07
CA HIS A 258 -21.88 -0.58 -12.02
C HIS A 258 -21.47 0.48 -13.05
N GLY A 259 -20.16 0.64 -13.24
CA GLY A 259 -19.63 1.58 -14.21
C GLY A 259 -19.44 2.99 -13.71
N THR A 260 -19.84 3.30 -12.48
CA THR A 260 -19.69 4.64 -11.92
C THR A 260 -18.45 4.78 -11.04
N PHE A 261 -17.72 3.71 -10.83
CA PHE A 261 -16.53 3.72 -9.98
C PHE A 261 -15.60 2.61 -10.42
N THR A 262 -14.36 2.66 -9.91
CA THR A 262 -13.36 1.64 -10.22
C THR A 262 -13.41 0.49 -9.22
N CYS A 263 -13.20 0.79 -7.94
CA CYS A 263 -13.20 -0.24 -6.90
C CYS A 263 -13.48 0.42 -5.57
N ALA A 264 -13.84 -0.40 -4.58
CA ALA A 264 -14.29 0.12 -3.29
C ALA A 264 -13.93 -0.86 -2.18
N SER A 265 -13.87 -0.33 -0.96
CA SER A 265 -13.54 -1.09 0.25
C SER A 265 -14.80 -1.25 1.09
N GLU A 266 -15.17 -2.50 1.36
CA GLU A 266 -16.28 -2.81 2.25
C GLU A 266 -15.74 -3.20 3.63
N TYR A 267 -16.27 -2.57 4.67
CA TYR A 267 -15.85 -2.83 6.05
C TYR A 267 -17.07 -3.20 6.87
N THR A 268 -17.08 -4.43 7.39
CA THR A 268 -18.14 -4.89 8.28
C THR A 268 -17.52 -5.30 9.62
N GLY A 269 -18.20 -4.97 10.70
CA GLY A 269 -17.77 -5.33 12.04
C GLY A 269 -17.42 -4.11 12.87
N ASN A 270 -16.81 -4.37 14.02
CA ASN A 270 -16.49 -3.32 14.97
C ASN A 270 -15.20 -2.60 14.55
N TYR A 271 -15.02 -1.42 15.14
CA TYR A 271 -13.81 -0.63 14.93
C TYR A 271 -12.57 -1.47 15.15
N GLN A 272 -11.67 -1.43 14.16
CA GLN A 272 -10.39 -2.15 14.17
C GLN A 272 -10.55 -3.67 14.11
N CYS A 273 -11.62 -4.21 14.68
CA CYS A 273 -11.82 -5.65 14.75
C CYS A 273 -12.66 -6.20 13.62
N GLY A 274 -13.06 -5.36 12.67
CA GLY A 274 -13.91 -5.78 11.58
C GLY A 274 -13.14 -6.57 10.54
N HIS A 275 -13.78 -6.67 9.37
CA HIS A 275 -13.22 -7.42 8.26
C HIS A 275 -13.45 -6.64 6.98
N TYR A 276 -12.47 -6.69 6.08
CA TYR A 276 -12.51 -5.96 4.82
C TYR A 276 -12.92 -6.89 3.69
N LYS A 277 -13.66 -6.33 2.73
CA LYS A 277 -13.93 -6.98 1.46
C LYS A 277 -13.72 -5.95 0.35
N HIS A 278 -13.52 -6.46 -0.86
CA HIS A 278 -13.17 -5.63 -2.01
C HIS A 278 -14.26 -5.74 -3.07
N ILE A 279 -14.82 -4.60 -3.46
CA ILE A 279 -15.79 -4.51 -4.55
C ILE A 279 -15.12 -3.85 -5.74
N THR A 280 -15.22 -4.47 -6.91
CA THR A 280 -14.66 -3.92 -8.13
C THR A 280 -15.71 -3.94 -9.23
N SER A 281 -15.72 -2.88 -10.05
CA SER A 281 -16.68 -2.73 -11.14
C SER A 281 -16.05 -3.19 -12.44
N LYS A 282 -16.52 -4.33 -12.97
CA LYS A 282 -16.07 -4.84 -14.26
C LYS A 282 -17.22 -4.83 -15.26
N GLU A 283 -17.41 -5.94 -15.99
CA GLU A 283 -18.63 -6.07 -16.77
C GLU A 283 -19.84 -6.16 -15.87
N THR A 284 -19.65 -6.67 -14.64
CA THR A 284 -20.63 -6.61 -13.57
C THR A 284 -19.89 -6.36 -12.27
N LEU A 285 -20.63 -6.21 -11.17
CA LEU A 285 -20.01 -5.94 -9.88
C LEU A 285 -19.48 -7.24 -9.29
N TYR A 286 -18.20 -7.24 -8.93
CA TYR A 286 -17.55 -8.40 -8.35
C TYR A 286 -17.13 -8.09 -6.92
N CYS A 287 -17.29 -9.08 -6.03
CA CYS A 287 -16.87 -8.96 -4.65
C CYS A 287 -15.78 -9.99 -4.38
N ILE A 288 -14.61 -9.52 -3.98
CA ILE A 288 -13.46 -10.38 -3.70
C ILE A 288 -13.23 -10.39 -2.20
N ASP A 289 -13.40 -11.55 -1.58
CA ASP A 289 -13.15 -11.76 -0.16
C ASP A 289 -12.02 -12.77 -0.04
N GLY A 290 -10.79 -12.28 -0.19
CA GLY A 290 -9.63 -13.16 -0.13
C GLY A 290 -9.57 -14.11 -1.30
N ALA A 291 -9.89 -15.38 -1.07
CA ALA A 291 -9.93 -16.38 -2.13
C ALA A 291 -11.32 -16.59 -2.69
N LEU A 292 -12.35 -16.05 -2.06
CA LEU A 292 -13.72 -16.24 -2.50
C LEU A 292 -14.15 -15.11 -3.43
N LEU A 293 -14.95 -15.46 -4.44
CA LEU A 293 -15.41 -14.51 -5.44
C LEU A 293 -16.91 -14.66 -5.63
N THR A 294 -17.62 -13.54 -5.53
CA THR A 294 -19.05 -13.48 -5.81
C THR A 294 -19.32 -12.31 -6.74
N LYS A 295 -20.43 -12.39 -7.47
CA LYS A 295 -20.79 -11.35 -8.42
C LYS A 295 -22.29 -11.07 -8.34
N SER A 296 -22.65 -9.83 -8.64
CA SER A 296 -24.04 -9.40 -8.63
C SER A 296 -24.19 -8.18 -9.52
N SER A 297 -25.40 -7.96 -10.03
CA SER A 297 -25.65 -6.80 -10.86
C SER A 297 -25.70 -5.52 -10.03
N GLU A 298 -26.15 -5.61 -8.78
CA GLU A 298 -26.28 -4.47 -7.90
C GLU A 298 -25.57 -4.75 -6.59
N TYR A 299 -25.28 -3.69 -5.85
CA TYR A 299 -24.61 -3.83 -4.57
C TYR A 299 -25.02 -2.72 -3.62
N LYS A 300 -25.36 -3.11 -2.39
CA LYS A 300 -25.63 -2.16 -1.31
C LYS A 300 -25.03 -2.72 -0.05
N GLY A 301 -24.11 -1.98 0.57
CA GLY A 301 -23.43 -2.45 1.74
C GLY A 301 -22.63 -1.37 2.44
N PRO A 302 -21.95 -1.72 3.53
CA PRO A 302 -21.14 -0.75 4.28
C PRO A 302 -19.82 -0.50 3.58
N ILE A 303 -19.68 0.67 2.98
CA ILE A 303 -18.52 1.04 2.19
C ILE A 303 -17.77 2.14 2.93
N THR A 304 -16.43 2.06 2.94
CA THR A 304 -15.62 3.08 3.59
C THR A 304 -14.61 3.74 2.67
N ASP A 305 -14.24 3.12 1.54
CA ASP A 305 -13.40 3.76 0.54
C ASP A 305 -13.99 3.49 -0.85
N VAL A 306 -13.91 4.49 -1.73
CA VAL A 306 -14.27 4.33 -3.14
C VAL A 306 -13.20 5.00 -3.98
N PHE A 307 -12.76 4.31 -5.04
CA PHE A 307 -11.74 4.81 -5.95
C PHE A 307 -12.35 5.11 -7.32
N TYR A 308 -11.98 6.25 -7.89
CA TYR A 308 -12.49 6.67 -9.18
C TYR A 308 -11.33 6.96 -10.13
N LYS A 309 -11.61 6.89 -11.42
CA LYS A 309 -10.64 7.25 -12.44
C LYS A 309 -10.70 8.75 -12.72
N GLU A 310 -9.59 9.29 -13.19
CA GLU A 310 -9.47 10.72 -13.46
C GLU A 310 -8.26 10.95 -14.35
N ASN A 311 -8.26 12.09 -15.04
CA ASN A 311 -7.09 12.57 -15.75
C ASN A 311 -6.99 14.09 -15.58
N SER A 312 -8.01 14.80 -16.01
CA SER A 312 -8.09 16.24 -15.84
C SER A 312 -9.55 16.63 -15.71
N TYR A 313 -9.84 17.47 -14.72
CA TYR A 313 -11.21 17.91 -14.46
C TYR A 313 -11.21 19.38 -14.09
N THR A 314 -12.12 20.14 -14.69
CA THR A 314 -12.32 21.55 -14.37
C THR A 314 -13.81 21.79 -14.18
N THR A 315 -14.16 22.42 -13.06
CA THR A 315 -15.57 22.62 -12.75
C THR A 315 -16.19 23.66 -13.67
N THR A 316 -17.53 23.67 -13.69
CA THR A 316 -18.30 24.62 -14.46
C THR A 316 -18.99 25.67 -13.60
N ILE A 317 -18.73 25.67 -12.29
CA ILE A 317 -19.35 26.62 -11.38
C ILE A 317 -18.64 27.97 -11.51
N LYS A 318 -19.42 29.03 -11.69
CA LYS A 318 -18.86 30.38 -11.82
C LYS A 318 -18.43 30.93 -10.46
C13 A1BF2 B . -8.75 -0.58 11.46
C15 A1BF2 B . -6.91 0.36 12.61
C21 A1BF2 B . -4.41 6.21 14.10
C22 A1BF2 B . -5.63 6.30 14.66
C24 A1BF2 B . -3.45 4.00 13.97
C26 A1BF2 B . -9.36 -1.67 10.65
C28 A1BF2 B . -12.70 1.82 8.12
C01 A1BF2 B . -10.55 9.13 10.03
C04 A1BF2 B . -13.58 7.69 11.21
C05 A1BF2 B . -12.86 6.55 10.84
C06 A1BF2 B . -13.37 5.09 10.98
C07 A1BF2 B . -12.77 4.06 10.24
C08 A1BF2 B . -13.27 2.76 10.41
C09 A1BF2 B . -12.66 1.56 9.62
C11 A1BF2 B . -11.01 0.67 11.31
C12 A1BF2 B . -9.52 0.55 11.78
C14 A1BF2 B . -7.46 -0.66 11.88
C16 A1BF2 B . -7.70 1.47 12.91
C18 A1BF2 B . -5.82 2.82 13.53
C19 A1BF2 B . -5.83 4.39 13.54
C23 A1BF2 B . -6.17 4.85 14.71
C25 A1BF2 B . -9.00 1.56 12.49
C29 A1BF2 B . -14.37 2.57 11.35
C30 A1BF2 B . -14.89 1.26 11.54
C31 A1BF2 B . -15.96 1.05 12.44
C32 A1BF2 B . -16.51 2.16 13.16
C33 A1BF2 B . -16.00 3.43 12.97
C34 A1BF2 B . -14.91 3.63 12.04
C36 A1BF2 B . -11.64 6.96 10.37
N02 A1BF2 B . -11.63 8.29 10.44
N03 A1BF2 B . -12.81 8.76 10.95
N10 A1BF2 B . -11.30 1.44 10.05
N20 A1BF2 B . -4.40 4.94 13.36
N35 A1BF2 B . -14.40 4.87 11.85
O17 A1BF2 B . -7.20 2.52 13.68
O27 A1BF2 B . -11.89 0.16 11.94
C1 PEG C . -13.35 -13.95 7.79
O1 PEG C . -12.20 -13.97 8.62
C2 PEG C . -13.60 -15.28 7.16
O2 PEG C . -14.01 -15.10 5.81
C3 PEG C . -13.03 -15.52 4.87
C4 PEG C . -12.33 -14.32 4.32
O4 PEG C . -11.39 -14.67 3.31
ZN ZN D . -16.55 32.46 7.65
ZN ZN E . 12.22 8.09 -1.75
ZN ZN F . 2.01 -16.28 9.63
ZN ZN G . 8.74 5.63 4.96
ZN ZN H . -12.89 34.33 6.90
ZN ZN I . -9.92 -9.43 8.41
CL CL J . 13.33 9.22 0.00
CL CL K . 10.24 7.27 -1.04
CL CL L . 10.65 6.80 3.39
CL CL M . 7.19 6.22 6.64
CL CL N . -8.81 -11.47 7.83
#